data_7BKX
#
_entry.id   7BKX
#
_cell.length_a   51.610
_cell.length_b   135.662
_cell.length_c   39.654
_cell.angle_alpha   90.000
_cell.angle_beta   90.000
_cell.angle_gamma   90.000
#
_symmetry.space_group_name_H-M   'P 21 21 2'
#
loop_
_entity.id
_entity.type
_entity.pdbx_description
1 polymer 'Milk protein'
2 branched 2-acetamido-2-deoxy-beta-D-glucopyranose-(1-4)-2-acetamido-2-deoxy-beta-D-glucopyranose
3 non-polymer 2-acetamido-2-deoxy-beta-D-glucopyranose
4 non-polymer 'PALMITOLEIC ACID'
5 non-polymer GLYCEROL
6 non-polymer 'ZINC ION'
7 water water
#
_entity_poly.entity_id   1
_entity_poly.type   'polypeptide(L)'
_entity_poly.pdbx_seq_one_letter_code
;MRQVWFSWIVGLFLCFFNVSSAKEPCPPENLQLTPRALVGKWYLRTTSPDIFKQVSNITEFYSAHGNDYYGTVTDYSPEY
GLEAHRVNLTVSGRTLKFYMNDTHEYDSEYEILAVDKDYFIFYGHPPAAPSGLALIHYRQSCPKEDIIKRVKKSLKNVCL
DYKYFGNDTSVHCRYLE
;
_entity_poly.pdbx_strand_id   AAA
#
loop_
_chem_comp.id
_chem_comp.type
_chem_comp.name
_chem_comp.formula
GOL non-polymer GLYCEROL 'C3 H8 O3'
NAG D-saccharide, beta linking 2-acetamido-2-deoxy-beta-D-glucopyranose 'C8 H15 N O6'
PAM non-polymer 'PALMITOLEIC ACID' 'C16 H30 O2'
ZN non-polymer 'ZINC ION' 'Zn 2'
#
# COMPACT_ATOMS: atom_id res chain seq x y z
N LYS A 23 16.15 -3.68 5.77
CA LYS A 23 16.07 -2.19 5.52
C LYS A 23 15.81 -1.92 4.02
N GLU A 24 16.20 -2.82 3.09
CA GLU A 24 15.86 -2.67 1.64
C GLU A 24 15.38 -3.98 1.03
N PRO A 25 14.46 -3.93 0.04
CA PRO A 25 14.26 -5.02 -0.92
C PRO A 25 15.21 -4.91 -2.11
N CYS A 26 15.03 -5.80 -3.08
CA CYS A 26 15.82 -5.81 -4.31
C CYS A 26 14.86 -5.52 -5.45
N PRO A 27 14.70 -4.22 -5.81
CA PRO A 27 13.58 -3.80 -6.63
C PRO A 27 13.74 -4.37 -8.04
N PRO A 28 12.70 -4.33 -8.89
CA PRO A 28 12.74 -5.02 -10.19
C PRO A 28 13.73 -4.43 -11.19
N GLU A 29 13.80 -5.06 -12.36
CA GLU A 29 14.58 -4.63 -13.55
C GLU A 29 14.10 -3.24 -14.04
N ASN A 30 12.91 -3.20 -14.65
CA ASN A 30 12.36 -2.06 -15.44
C ASN A 30 12.05 -0.87 -14.52
N LEU A 31 11.02 -1.03 -13.65
CA LEU A 31 10.48 -0.14 -12.57
C LEU A 31 9.30 0.73 -13.08
N GLN A 32 8.63 0.32 -14.16
CA GLN A 32 7.77 1.23 -14.97
C GLN A 32 6.42 1.41 -14.25
N LEU A 33 6.00 2.67 -14.05
CA LEU A 33 4.71 3.07 -13.43
C LEU A 33 3.90 3.94 -14.41
N THR A 34 2.82 3.42 -14.98
CA THR A 34 2.12 4.05 -16.15
C THR A 34 1.02 5.03 -15.69
N PRO A 35 0.53 5.91 -16.59
CA PRO A 35 -0.54 6.86 -16.23
C PRO A 35 -1.92 6.31 -15.89
N ARG A 36 -2.57 6.88 -14.88
CA ARG A 36 -3.91 6.45 -14.36
C ARG A 36 -3.83 5.09 -13.65
N ALA A 37 -2.63 4.47 -13.60
CA ALA A 37 -2.38 3.09 -13.13
C ALA A 37 -2.87 2.89 -11.69
N LEU A 38 -2.88 3.96 -10.88
CA LEU A 38 -3.26 3.94 -9.46
C LEU A 38 -4.69 4.43 -9.30
N VAL A 39 -5.37 4.76 -10.40
CA VAL A 39 -6.68 5.44 -10.29
C VAL A 39 -7.65 4.49 -9.60
N GLY A 40 -8.54 5.03 -8.76
CA GLY A 40 -9.70 4.29 -8.27
C GLY A 40 -9.45 3.70 -6.90
N LYS A 41 -10.00 2.50 -6.63
CA LYS A 41 -10.31 2.06 -5.25
C LYS A 41 -9.36 0.95 -4.87
N TRP A 42 -8.79 1.02 -3.66
CA TRP A 42 -7.83 -0.02 -3.18
C TRP A 42 -8.06 -0.34 -1.72
N TYR A 43 -7.63 -1.52 -1.32
CA TYR A 43 -7.68 -1.95 0.09
C TYR A 43 -6.27 -2.36 0.54
N LEU A 44 -5.78 -1.67 1.54
CA LEU A 44 -4.43 -1.89 2.07
C LEU A 44 -4.54 -2.93 3.16
N ARG A 45 -4.43 -4.20 2.81
CA ARG A 45 -4.77 -5.32 3.73
C ARG A 45 -3.52 -6.00 4.27
N THR A 46 -2.33 -5.71 3.77
CA THR A 46 -1.09 -6.45 4.15
C THR A 46 0.10 -5.50 4.18
N THR A 47 0.89 -5.58 5.24
CA THR A 47 2.05 -4.72 5.52
C THR A 47 3.09 -5.55 6.25
N SER A 48 4.34 -5.14 6.13
CA SER A 48 5.46 -5.71 6.90
C SER A 48 6.16 -4.53 7.53
N PRO A 49 6.53 -4.63 8.81
CA PRO A 49 5.85 -4.00 9.92
C PRO A 49 4.34 -4.16 9.73
N ASP A 50 3.73 -4.98 10.56
CA ASP A 50 2.24 -5.08 10.73
C ASP A 50 1.77 -3.82 11.45
N ILE A 51 0.87 -3.06 10.83
CA ILE A 51 0.42 -1.72 11.28
C ILE A 51 -1.01 -1.82 11.74
N PHE A 52 -1.60 -3.00 11.66
CA PHE A 52 -3.08 -3.16 11.83
C PHE A 52 -3.46 -3.15 13.29
N LYS A 53 -2.59 -2.71 14.19
CA LYS A 53 -2.99 -2.33 15.56
C LYS A 53 -3.18 -0.81 15.60
N GLN A 54 -2.36 -0.07 14.85
CA GLN A 54 -2.41 1.41 14.79
C GLN A 54 -3.59 1.87 13.93
N VAL A 55 -4.06 1.03 13.01
CA VAL A 55 -5.04 1.46 11.98
C VAL A 55 -5.62 0.22 11.32
N SER A 56 -6.81 0.30 10.74
CA SER A 56 -7.58 -0.89 10.32
C SER A 56 -8.50 -0.50 9.17
N ASN A 57 -9.01 -1.48 8.42
CA ASN A 57 -10.05 -1.20 7.39
C ASN A 57 -9.63 0.03 6.54
N ILE A 58 -8.47 0.00 5.91
CA ILE A 58 -7.96 1.13 5.06
C ILE A 58 -8.53 0.97 3.66
N THR A 59 -9.35 1.93 3.25
CA THR A 59 -9.81 2.11 1.85
C THR A 59 -9.07 3.33 1.23
N GLU A 60 -8.54 3.18 0.03
CA GLU A 60 -7.89 4.29 -0.70
C GLU A 60 -8.74 4.57 -1.94
N PHE A 61 -8.97 5.83 -2.31
CA PHE A 61 -9.54 6.21 -3.62
C PHE A 61 -8.71 7.35 -4.21
N TYR A 62 -8.18 7.10 -5.38
CA TYR A 62 -7.28 8.04 -6.08
C TYR A 62 -7.91 8.42 -7.43
N SER A 63 -8.00 9.73 -7.69
CA SER A 63 -8.19 10.34 -9.03
C SER A 63 -6.84 10.80 -9.61
N ALA A 64 -6.53 10.37 -10.83
CA ALA A 64 -5.32 10.72 -11.61
C ALA A 64 -5.42 12.12 -12.26
N HIS A 65 -4.37 12.92 -12.10
CA HIS A 65 -4.15 14.27 -12.69
C HIS A 65 -2.73 14.29 -13.26
N GLY A 66 -2.41 13.40 -14.22
CA GLY A 66 -1.07 13.19 -14.83
C GLY A 66 -0.11 12.44 -13.91
N ASN A 67 0.87 13.16 -13.35
CA ASN A 67 1.84 12.64 -12.36
C ASN A 67 1.31 12.92 -10.95
N ASP A 68 0.28 13.73 -10.86
CA ASP A 68 -0.34 14.07 -9.57
C ASP A 68 -1.50 13.05 -9.43
N TYR A 69 -1.67 12.47 -8.24
CA TYR A 69 -2.98 11.89 -7.87
C TYR A 69 -3.47 12.67 -6.66
N TYR A 70 -4.79 12.79 -6.49
CA TYR A 70 -5.43 13.35 -5.28
C TYR A 70 -6.45 12.32 -4.85
N GLY A 71 -6.72 12.24 -3.56
CA GLY A 71 -7.41 11.02 -3.13
C GLY A 71 -7.93 11.09 -1.71
N THR A 72 -8.59 10.01 -1.36
CA THR A 72 -9.17 9.76 -0.03
C THR A 72 -8.68 8.40 0.46
N VAL A 73 -8.32 8.37 1.73
CA VAL A 73 -8.01 7.17 2.54
C VAL A 73 -8.98 7.16 3.73
N THR A 74 -9.93 6.21 3.74
CA THR A 74 -10.86 6.01 4.89
C THR A 74 -10.28 4.87 5.73
N ASP A 75 -9.76 5.22 6.91
CA ASP A 75 -9.13 4.29 7.87
C ASP A 75 -10.01 4.24 9.15
N TYR A 76 -9.94 3.16 9.94
CA TYR A 76 -10.62 3.06 11.26
C TYR A 76 -9.53 3.16 12.33
N SER A 77 -9.77 3.93 13.38
CA SER A 77 -8.74 4.17 14.43
C SER A 77 -9.15 3.48 15.72
N PRO A 78 -8.22 2.79 16.42
CA PRO A 78 -8.55 2.12 17.69
C PRO A 78 -8.68 3.07 18.89
N GLU A 79 -9.44 4.17 18.75
CA GLU A 79 -9.74 5.20 19.79
C GLU A 79 -10.59 6.32 19.18
N TYR A 80 -10.18 6.85 18.03
CA TYR A 80 -10.98 7.77 17.19
C TYR A 80 -11.83 6.94 16.24
N GLY A 81 -12.67 7.59 15.44
CA GLY A 81 -13.56 6.81 14.54
C GLY A 81 -12.93 6.32 13.22
N LEU A 82 -13.81 5.77 12.38
CA LEU A 82 -13.85 6.04 10.92
C LEU A 82 -13.40 7.48 10.64
N GLU A 83 -12.09 7.74 10.63
CA GLU A 83 -11.45 8.99 10.09
C GLU A 83 -11.35 8.91 8.57
N ALA A 84 -11.18 10.05 7.94
CA ALA A 84 -10.94 10.21 6.49
C ALA A 84 -9.76 11.17 6.33
N HIS A 85 -9.00 10.99 5.25
CA HIS A 85 -7.77 11.74 4.98
C HIS A 85 -7.70 12.05 3.49
N ARG A 86 -7.39 13.30 3.20
CA ARG A 86 -7.02 13.81 1.88
C ARG A 86 -5.50 13.62 1.76
N VAL A 87 -5.08 13.15 0.60
CA VAL A 87 -3.69 12.72 0.33
C VAL A 87 -3.47 13.08 -1.11
N ASN A 88 -2.22 13.33 -1.48
CA ASN A 88 -1.84 13.41 -2.90
C ASN A 88 -0.53 12.65 -3.11
N LEU A 89 -0.46 12.02 -4.26
CA LEU A 89 0.71 11.34 -4.81
C LEU A 89 1.37 12.38 -5.69
N THR A 90 2.68 12.38 -5.74
CA THR A 90 3.39 12.89 -6.89
C THR A 90 4.29 11.79 -7.39
N VAL A 91 4.05 11.31 -8.59
CA VAL A 91 4.78 10.19 -9.20
C VAL A 91 5.97 10.69 -10.03
N SER A 92 7.17 10.12 -9.78
CA SER A 92 8.38 10.34 -10.61
C SER A 92 9.01 8.99 -10.96
N GLY A 93 8.55 8.42 -12.08
CA GLY A 93 9.07 7.17 -12.65
C GLY A 93 8.80 5.98 -11.75
N ARG A 94 9.82 5.58 -11.00
CA ARG A 94 9.81 4.34 -10.18
C ARG A 94 9.20 4.70 -8.82
N THR A 95 9.15 6.00 -8.48
CA THR A 95 8.88 6.44 -7.10
C THR A 95 7.69 7.38 -7.12
N LEU A 96 7.14 7.57 -5.95
CA LEU A 96 6.17 8.65 -5.68
C LEU A 96 6.36 9.08 -4.24
N LYS A 97 5.92 10.32 -4.02
CA LYS A 97 5.87 11.01 -2.74
C LYS A 97 4.40 11.00 -2.36
N PHE A 98 4.13 10.59 -1.12
CA PHE A 98 2.78 10.47 -0.55
C PHE A 98 2.71 11.50 0.59
N TYR A 99 1.66 12.31 0.58
CA TYR A 99 1.41 13.36 1.59
C TYR A 99 -0.03 13.24 2.05
N MET A 100 -0.18 13.17 3.34
CA MET A 100 -1.51 13.17 3.99
C MET A 100 -1.67 14.54 4.66
N ASN A 101 -2.89 15.10 4.63
CA ASN A 101 -3.15 16.46 5.15
C ASN A 101 -3.11 16.42 6.68
N ASP A 102 -3.95 15.59 7.29
N ASP A 102 -4.05 15.65 7.23
CA ASP A 102 -4.27 15.66 8.74
CA ASP A 102 -4.36 15.40 8.67
C ASP A 102 -3.10 15.13 9.58
C ASP A 102 -3.09 15.18 9.50
N THR A 103 -2.24 14.25 9.05
CA THR A 103 -1.10 13.64 9.84
C THR A 103 -0.01 13.09 8.90
N HIS A 104 1.23 12.92 9.38
CA HIS A 104 2.42 12.86 8.50
C HIS A 104 3.31 11.66 8.81
N GLU A 105 2.86 10.68 9.58
CA GLU A 105 3.75 9.56 9.96
C GLU A 105 3.89 8.55 8.80
N TYR A 106 3.07 8.59 7.73
CA TYR A 106 3.29 7.68 6.56
C TYR A 106 3.74 8.48 5.34
N ASP A 107 3.99 9.77 5.53
CA ASP A 107 4.41 10.71 4.45
C ASP A 107 5.88 10.44 4.18
N SER A 108 6.21 9.94 3.00
CA SER A 108 7.59 9.62 2.62
C SER A 108 7.63 9.41 1.10
N GLU A 109 8.81 9.17 0.56
CA GLU A 109 8.94 8.54 -0.76
C GLU A 109 8.63 7.04 -0.66
N TYR A 110 7.94 6.51 -1.67
CA TYR A 110 7.70 5.06 -1.87
C TYR A 110 8.08 4.66 -3.29
N GLU A 111 8.73 3.52 -3.37
CA GLU A 111 9.16 2.89 -4.62
C GLU A 111 8.17 1.79 -4.99
N ILE A 112 7.74 1.73 -6.24
CA ILE A 112 6.92 0.60 -6.71
C ILE A 112 7.79 -0.65 -6.80
N LEU A 113 7.30 -1.76 -6.26
CA LEU A 113 8.04 -3.03 -6.28
C LEU A 113 7.35 -3.99 -7.23
N ALA A 114 6.04 -3.84 -7.44
CA ALA A 114 5.25 -4.81 -8.22
C ALA A 114 3.95 -4.15 -8.65
N VAL A 115 3.53 -4.51 -9.85
CA VAL A 115 2.41 -3.92 -10.61
C VAL A 115 1.66 -5.12 -11.17
N ASP A 116 0.35 -5.10 -11.02
CA ASP A 116 -0.52 -6.25 -11.31
C ASP A 116 -1.94 -5.68 -11.40
N LYS A 117 -2.81 -6.37 -12.13
CA LYS A 117 -4.20 -5.94 -12.33
C LYS A 117 -4.90 -5.92 -10.96
N ASP A 118 -4.50 -6.78 -10.03
CA ASP A 118 -5.25 -6.92 -8.75
C ASP A 118 -4.51 -6.40 -7.51
N TYR A 119 -3.27 -5.93 -7.66
CA TYR A 119 -2.50 -5.36 -6.54
C TYR A 119 -1.30 -4.58 -7.02
N PHE A 120 -0.89 -3.63 -6.20
CA PHE A 120 0.43 -2.97 -6.27
C PHE A 120 1.14 -3.17 -4.94
N ILE A 121 2.45 -3.30 -4.98
CA ILE A 121 3.31 -3.36 -3.77
C ILE A 121 4.23 -2.16 -3.80
N PHE A 122 4.24 -1.36 -2.72
CA PHE A 122 5.20 -0.25 -2.56
C PHE A 122 6.10 -0.48 -1.35
N TYR A 123 7.21 0.24 -1.26
CA TYR A 123 8.17 0.18 -0.14
C TYR A 123 8.65 1.60 0.19
N GLY A 124 8.66 1.94 1.47
CA GLY A 124 9.15 3.25 1.89
C GLY A 124 9.72 3.20 3.28
N HIS A 125 10.23 4.34 3.68
CA HIS A 125 10.86 4.64 4.98
C HIS A 125 10.18 5.83 5.62
N PRO A 126 8.87 5.79 5.88
CA PRO A 126 8.18 6.87 6.56
C PRO A 126 8.60 6.95 8.03
N PRO A 127 8.27 8.09 8.69
CA PRO A 127 8.47 8.24 10.13
C PRO A 127 7.98 7.09 11.02
N ALA A 128 6.84 6.49 10.67
CA ALA A 128 6.21 5.39 11.45
C ALA A 128 7.05 4.11 11.30
N ALA A 129 7.97 4.04 10.34
CA ALA A 129 8.82 2.85 10.17
C ALA A 129 10.05 3.18 9.36
N PRO A 130 10.98 3.98 9.91
CA PRO A 130 12.14 4.46 9.14
C PRO A 130 13.00 3.35 8.50
N SER A 131 13.06 2.19 9.14
CA SER A 131 13.90 1.07 8.63
C SER A 131 13.18 0.33 7.48
N GLY A 132 11.91 0.64 7.20
CA GLY A 132 11.26 0.09 6.00
C GLY A 132 9.83 -0.31 6.27
N LEU A 133 8.98 -0.01 5.29
CA LEU A 133 7.57 -0.42 5.31
C LEU A 133 7.16 -0.88 3.93
N ALA A 134 6.74 -2.14 3.81
CA ALA A 134 6.15 -2.75 2.60
C ALA A 134 4.62 -2.71 2.74
N LEU A 135 3.90 -2.32 1.68
CA LEU A 135 2.44 -2.13 1.67
C LEU A 135 1.88 -2.80 0.44
N ILE A 136 0.91 -3.69 0.62
CA ILE A 136 0.20 -4.33 -0.50
C ILE A 136 -1.19 -3.72 -0.57
N HIS A 137 -1.45 -3.11 -1.71
CA HIS A 137 -2.74 -2.48 -2.09
C HIS A 137 -3.47 -3.48 -2.99
N TYR A 138 -4.65 -3.96 -2.59
CA TYR A 138 -5.42 -4.94 -3.38
C TYR A 138 -6.59 -4.24 -4.10
N ARG A 139 -6.92 -4.66 -5.33
CA ARG A 139 -8.18 -4.22 -6.01
C ARG A 139 -9.37 -4.86 -5.30
N GLN A 140 -9.27 -6.10 -4.82
CA GLN A 140 -10.44 -6.68 -4.08
C GLN A 140 -10.18 -6.62 -2.56
N SER A 141 -11.22 -6.32 -1.78
CA SER A 141 -11.20 -6.34 -0.30
C SER A 141 -10.74 -7.68 0.31
N CYS A 142 -11.06 -8.80 -0.33
CA CYS A 142 -10.70 -10.17 0.12
C CYS A 142 -10.25 -10.93 -1.10
N PRO A 143 -8.95 -10.93 -1.41
CA PRO A 143 -8.48 -11.41 -2.70
C PRO A 143 -8.45 -12.94 -2.68
N LYS A 144 -8.81 -13.53 -3.82
CA LYS A 144 -8.86 -15.01 -4.03
C LYS A 144 -7.42 -15.53 -4.01
N GLU A 145 -7.31 -16.84 -3.83
CA GLU A 145 -6.04 -17.59 -3.54
C GLU A 145 -5.10 -17.48 -4.74
N ASP A 146 -5.63 -17.27 -5.94
CA ASP A 146 -4.83 -17.05 -7.18
C ASP A 146 -4.00 -15.78 -6.96
N ILE A 147 -4.69 -14.69 -6.58
CA ILE A 147 -4.05 -13.37 -6.40
C ILE A 147 -2.97 -13.51 -5.34
N ILE A 148 -3.26 -14.20 -4.27
CA ILE A 148 -2.30 -14.34 -3.14
C ILE A 148 -1.06 -15.06 -3.66
N LYS A 149 -1.24 -16.04 -4.55
CA LYS A 149 -0.08 -16.87 -5.05
C LYS A 149 0.81 -15.97 -5.91
N ARG A 150 0.24 -15.16 -6.81
CA ARG A 150 0.97 -14.09 -7.55
C ARG A 150 1.66 -13.12 -6.58
N VAL A 151 0.98 -12.63 -5.50
CA VAL A 151 1.60 -11.69 -4.51
C VAL A 151 2.85 -12.36 -3.92
N LYS A 152 2.73 -13.59 -3.44
CA LYS A 152 3.84 -14.41 -2.89
C LYS A 152 4.99 -14.38 -3.90
N LYS A 153 4.66 -14.45 -5.19
CA LYS A 153 5.74 -14.58 -6.20
C LYS A 153 6.39 -13.22 -6.27
N SER A 154 5.58 -12.19 -6.50
CA SER A 154 6.10 -10.80 -6.56
C SER A 154 7.01 -10.54 -5.37
N LEU A 155 6.66 -11.00 -4.15
CA LEU A 155 7.48 -10.64 -2.97
C LEU A 155 8.84 -11.34 -3.05
N LYS A 156 8.89 -12.66 -3.29
CA LYS A 156 10.19 -13.38 -3.39
C LYS A 156 11.06 -12.66 -4.43
N ASN A 157 10.46 -12.38 -5.58
CA ASN A 157 11.05 -11.73 -6.79
C ASN A 157 11.65 -10.37 -6.44
N VAL A 158 11.44 -9.84 -5.24
CA VAL A 158 12.03 -8.54 -4.80
C VAL A 158 12.55 -8.66 -3.35
N CYS A 159 12.78 -9.88 -2.87
CA CYS A 159 13.59 -10.18 -1.66
C CYS A 159 12.82 -9.88 -0.38
N LEU A 160 11.49 -10.01 -0.39
CA LEU A 160 10.72 -10.03 0.86
C LEU A 160 9.93 -11.32 0.77
N ASP A 161 9.20 -11.68 1.82
CA ASP A 161 8.34 -12.89 1.78
C ASP A 161 7.17 -12.71 2.74
N TYR A 162 5.97 -13.08 2.26
CA TYR A 162 4.67 -13.11 2.96
C TYR A 162 4.81 -13.55 4.41
N LYS A 163 5.90 -14.27 4.72
CA LYS A 163 6.25 -14.73 6.09
C LYS A 163 6.21 -13.55 7.07
N TYR A 164 6.85 -12.42 6.75
CA TYR A 164 7.06 -11.32 7.73
C TYR A 164 5.98 -10.25 7.54
N PHE A 165 4.91 -10.57 6.83
CA PHE A 165 3.78 -9.63 6.64
C PHE A 165 2.61 -10.02 7.54
N GLY A 166 2.00 -8.98 8.10
CA GLY A 166 0.69 -9.06 8.78
C GLY A 166 -0.43 -8.66 7.86
N ASN A 167 -1.62 -9.16 8.16
CA ASN A 167 -2.88 -8.91 7.42
C ASN A 167 -3.86 -8.23 8.33
N ASP A 168 -4.70 -7.42 7.74
CA ASP A 168 -5.76 -6.73 8.46
C ASP A 168 -6.88 -7.71 8.87
N THR A 169 -6.77 -8.33 10.03
CA THR A 169 -7.78 -9.34 10.52
C THR A 169 -9.10 -8.65 10.94
N SER A 170 -9.19 -7.35 11.14
CA SER A 170 -10.49 -6.69 11.31
C SER A 170 -11.38 -6.81 10.06
N VAL A 171 -10.90 -7.25 8.91
CA VAL A 171 -11.74 -7.46 7.69
C VAL A 171 -11.49 -8.90 7.21
N HIS A 172 -12.28 -9.83 7.76
CA HIS A 172 -11.97 -11.27 7.73
C HIS A 172 -11.89 -11.64 6.25
N CYS A 173 -10.92 -12.49 5.96
CA CYS A 173 -10.61 -12.94 4.60
C CYS A 173 -9.92 -14.28 4.72
N ARG A 174 -10.58 -15.34 4.28
CA ARG A 174 -10.05 -16.71 4.47
C ARG A 174 -8.68 -16.83 3.80
N TYR A 175 -8.36 -16.05 2.76
CA TYR A 175 -7.07 -16.20 2.03
C TYR A 175 -5.95 -15.36 2.65
N LEU A 176 -6.22 -14.57 3.70
CA LEU A 176 -5.24 -13.63 4.30
C LEU A 176 -5.07 -13.94 5.79
N GLU A 177 -4.95 -15.22 6.17
CA GLU A 177 -5.07 -15.63 7.62
C GLU A 177 -3.94 -16.57 8.06
C1 NAG B . -14.86 -0.20 6.60
C2 NAG B . -16.09 -0.45 7.49
C3 NAG B . -17.37 -0.42 6.63
C4 NAG B . -17.41 0.89 5.83
C5 NAG B . -16.14 0.93 4.97
C6 NAG B . -16.10 1.99 3.88
C7 NAG B . -15.13 -1.87 9.27
C8 NAG B . -14.96 -3.28 9.75
N2 NAG B . -15.91 -1.73 8.17
O3 NAG B . -18.58 -0.52 7.40
O4 NAG B . -18.61 0.93 5.03
O5 NAG B . -15.03 1.03 5.88
O6 NAG B . -15.02 2.89 4.12
O7 NAG B . -14.58 -0.90 9.82
C1 NAG B . -19.50 1.98 5.43
C2 NAG B . -20.30 2.50 4.25
C3 NAG B . -21.05 3.76 4.74
C4 NAG B . -22.05 3.30 5.83
C5 NAG B . -21.28 2.53 6.93
C6 NAG B . -22.25 1.87 7.91
C7 NAG B . -19.28 1.71 2.15
C8 NAG B . -18.33 1.99 1.02
N2 NAG B . -19.46 2.69 3.06
O3 NAG B . -21.74 4.48 3.70
O4 NAG B . -22.81 4.40 6.36
O5 NAG B . -20.40 1.52 6.43
O6 NAG B . -22.47 2.75 9.01
O7 NAG B . -19.86 0.64 2.25
C1 NAG C . -1.19 -13.08 5.99
C2 NAG C . -0.70 -14.01 7.11
C3 NAG C . 0.31 -15.04 6.61
C4 NAG C . -0.36 -15.93 5.56
C5 NAG C . -0.96 -15.02 4.46
C6 NAG C . -1.96 -15.84 3.68
C7 NAG C . -0.87 -13.01 9.32
C8 NAG C . -0.02 -12.56 10.48
N2 NAG C . -0.12 -13.37 8.28
O3 NAG C . 0.72 -15.77 7.77
O4 NAG C . 0.50 -16.97 4.99
O5 NAG C . -1.72 -13.82 4.92
O6 NAG C . -2.30 -14.93 2.64
O7 NAG C . -2.13 -13.05 9.35
C1 NAG D . -4.40 20.68 5.29
C2 NAG D . -3.07 21.36 4.96
C3 NAG D . -3.41 22.87 5.04
C4 NAG D . -4.38 23.20 3.91
C5 NAG D . -5.65 22.40 4.14
C6 NAG D . -6.63 22.55 2.98
C7 NAG D . -1.53 20.03 6.52
C8 NAG D . -0.30 20.13 7.40
N2 NAG D . -1.87 21.10 5.78
O3 NAG D . -2.30 23.75 4.98
O4 NAG D . -4.64 24.61 3.86
O5 NAG D . -5.35 21.01 4.28
O6 NAG D . -7.87 23.05 3.50
O7 NAG D . -2.19 19.01 6.54
C1 PAM E . -2.88 5.40 7.42
O1 PAM E . -3.17 6.41 8.14
O2 PAM E . -2.24 4.44 7.83
C2 PAM E . -3.36 5.35 5.98
C3 PAM E . -2.56 4.62 4.94
C4 PAM E . -1.22 4.08 5.44
C5 PAM E . -0.01 4.37 4.56
C6 PAM E . -0.30 4.56 3.10
C7 PAM E . 0.96 4.85 2.29
C8 PAM E . 0.73 4.68 0.84
C9 PAM E . 1.82 3.95 0.14
C10 PAM E . 1.96 3.91 -1.14
C11 PAM E . 1.39 4.90 -2.08
C12 PAM E . -0.01 4.66 -2.43
C13 PAM E . -0.19 4.39 -3.92
C14 PAM E . -1.43 3.65 -4.32
C15 PAM E . -1.34 2.17 -4.21
C16 PAM E . -2.00 1.37 -5.33
C1 NAG F . 0.81 17.29 -2.45
C2 NAG F . 2.18 17.38 -3.08
C3 NAG F . 2.92 18.71 -2.93
C4 NAG F . 2.38 19.61 -1.80
C5 NAG F . 1.17 19.02 -1.06
C6 NAG F . 0.47 20.09 -0.27
C7 NAG F . 2.84 15.08 -2.56
C8 NAG F . 3.76 14.35 -1.63
N2 NAG F . 2.99 16.39 -2.41
O3 NAG F . 2.85 19.22 -4.24
O4 NAG F . 3.39 19.83 -0.81
O5 NAG F . 0.25 18.51 -2.00
O6 NAG F . -0.08 20.98 -1.25
O7 NAG F . 2.05 14.56 -3.33
C1 GOL G . -13.94 -8.63 -2.72
O1 GOL G . -14.04 -8.74 -1.31
C2 GOL G . -14.78 -7.49 -3.26
O2 GOL G . -14.00 -6.28 -3.32
C3 GOL G . -15.38 -7.79 -4.63
O3 GOL G . -16.35 -6.83 -5.02
ZN ZN H . -6.26 7.30 9.85
ZN ZN I . 14.61 2.11 1.10
ZN ZN J . -11.23 -17.08 8.72
#